data_7LGR
#
_entry.id   7LGR
#
_cell.length_a   48.553
_cell.length_b   48.553
_cell.length_c   106.424
_cell.angle_alpha   90.000
_cell.angle_beta   90.000
_cell.angle_gamma   120.000
#
_symmetry.space_group_name_H-M   'P 31 2 1'
#
loop_
_entity.id
_entity.type
_entity.pdbx_description
1 polymer 'Collagen-binding adhesin'
2 water water
#
_entity_poly.entity_id   1
_entity_poly.type   'polypeptide(L)'
_entity_poly.pdbx_seq_one_letter_code
;MGASGTTGVFYYKTGDMQTDDTNHVRWFLNINNENAYVDSDIRIEDDIQSGQTLDIDSFDITVNGSESYRGQEGINQLAQ
RYGATISADSASGHISVYIPQGYASLNSFSIMYLTKVDNPDQKTFENNSKAWYKENGKDAVDGKEFNHSVANVNAAGGVD
GRENLYFQGLEHHHHHH
;
_entity_poly.pdbx_strand_id   A
#
# COMPACT_ATOMS: atom_id res chain seq x y z
N GLY A 8 -16.11 -2.34 -4.98
CA GLY A 8 -14.71 -1.81 -4.88
C GLY A 8 -14.07 -1.76 -3.49
N VAL A 9 -14.55 -2.60 -2.57
CA VAL A 9 -14.10 -2.60 -1.19
C VAL A 9 -12.86 -3.50 -1.03
N PHE A 10 -12.68 -4.47 -1.92
CA PHE A 10 -11.64 -5.48 -1.70
C PHE A 10 -10.26 -4.86 -1.54
N TYR A 11 -9.93 -3.95 -2.44
CA TYR A 11 -8.66 -3.27 -2.41
C TYR A 11 -8.83 -1.78 -2.74
N TYR A 12 -8.12 -0.95 -1.99
CA TYR A 12 -7.99 0.45 -2.34
C TYR A 12 -6.73 0.96 -1.71
N LYS A 13 -6.27 2.09 -2.21
CA LYS A 13 -5.17 2.76 -1.57
C LYS A 13 -5.60 4.18 -1.20
N THR A 14 -5.03 4.65 -0.12
CA THR A 14 -5.23 6.02 0.30
C THR A 14 -3.93 6.56 0.86
N GLY A 15 -3.98 7.81 1.27
CA GLY A 15 -2.85 8.40 1.92
C GLY A 15 -3.23 9.71 2.53
N ASP A 16 -2.29 10.28 3.26
CA ASP A 16 -2.53 11.57 3.90
C ASP A 16 -1.23 12.21 4.30
N MET A 17 -1.27 13.52 4.52
CA MET A 17 -0.14 14.23 5.06
C MET A 17 -0.66 14.89 6.31
N GLN A 18 0.04 14.66 7.40
CA GLN A 18 -0.33 15.20 8.68
C GLN A 18 0.38 16.54 8.88
N THR A 19 -0.30 17.47 9.52
CA THR A 19 0.28 18.81 9.72
C THR A 19 1.56 18.79 10.55
N ASP A 20 1.69 17.80 11.43
CA ASP A 20 2.90 17.63 12.25
C ASP A 20 4.07 16.93 11.55
N ASP A 21 3.90 16.59 10.27
CA ASP A 21 4.95 15.91 9.52
C ASP A 21 4.73 16.20 8.05
N THR A 22 4.95 17.46 7.68
CA THR A 22 4.75 17.91 6.31
C THR A 22 5.84 17.46 5.35
N ASN A 23 6.93 16.90 5.89
CA ASN A 23 8.00 16.36 5.06
C ASN A 23 7.74 14.90 4.66
N HIS A 24 6.63 14.31 5.08
CA HIS A 24 6.28 12.96 4.63
C HIS A 24 4.86 12.83 4.17
N VAL A 25 4.62 11.87 3.28
CA VAL A 25 3.29 11.47 2.93
C VAL A 25 3.14 10.05 3.43
N ARG A 26 2.01 9.76 4.06
CA ARG A 26 1.69 8.43 4.56
C ARG A 26 0.78 7.78 3.54
N TRP A 27 1.14 6.60 3.08
CA TRP A 27 0.35 5.87 2.12
C TRP A 27 -0.10 4.54 2.72
N PHE A 28 -1.27 4.08 2.29
CA PHE A 28 -1.87 2.85 2.78
C PHE A 28 -2.39 2.03 1.62
N LEU A 29 -1.90 0.80 1.51
CA LEU A 29 -2.44 -0.18 0.57
C LEU A 29 -3.28 -1.11 1.41
N ASN A 30 -4.58 -1.09 1.16
CA ASN A 30 -5.55 -1.76 2.03
C ASN A 30 -6.16 -2.91 1.25
N ILE A 31 -5.77 -4.11 1.64
CA ILE A 31 -5.97 -5.32 0.85
C ILE A 31 -6.89 -6.31 1.57
N ASN A 32 -7.88 -6.78 0.83
CA ASN A 32 -8.91 -7.70 1.30
C ASN A 32 -9.60 -7.15 2.55
N ASN A 33 -10.13 -5.96 2.38
CA ASN A 33 -10.66 -5.19 3.52
C ASN A 33 -11.86 -5.78 4.21
N GLU A 34 -12.61 -6.61 3.49
CA GLU A 34 -13.75 -7.32 4.07
C GLU A 34 -13.46 -8.76 4.41
N ASN A 35 -12.18 -9.12 4.54
CA ASN A 35 -11.78 -10.44 5.04
C ASN A 35 -12.44 -11.55 4.21
N ALA A 36 -12.44 -11.38 2.90
CA ALA A 36 -13.11 -12.31 2.00
C ALA A 36 -12.26 -13.56 1.76
N TYR A 37 -12.92 -14.63 1.33
CA TYR A 37 -12.24 -15.75 0.71
C TYR A 37 -11.78 -15.34 -0.68
N VAL A 38 -10.58 -15.76 -1.03
CA VAL A 38 -9.97 -15.39 -2.30
C VAL A 38 -9.73 -16.69 -3.07
N ASP A 39 -9.96 -16.64 -4.38
CA ASP A 39 -9.78 -17.79 -5.30
C ASP A 39 -8.46 -17.75 -6.05
N SER A 40 -7.58 -16.82 -5.68
CA SER A 40 -6.33 -16.59 -6.38
C SER A 40 -5.34 -15.95 -5.42
N ASP A 41 -4.10 -15.82 -5.87
CA ASP A 41 -3.12 -15.00 -5.18
C ASP A 41 -3.51 -13.55 -5.39
N ILE A 42 -3.00 -12.68 -4.51
CA ILE A 42 -3.22 -11.25 -4.67
C ILE A 42 -1.90 -10.64 -5.11
N ARG A 43 -1.93 -9.82 -6.15
CA ARG A 43 -0.77 -9.05 -6.56
C ARG A 43 -1.16 -7.58 -6.62
N ILE A 44 -0.37 -6.75 -5.96
CA ILE A 44 -0.50 -5.31 -6.08
C ILE A 44 0.81 -4.80 -6.64
N GLU A 45 0.71 -3.98 -7.67
CA GLU A 45 1.85 -3.32 -8.28
C GLU A 45 1.63 -1.85 -8.08
N ASP A 46 2.56 -1.23 -7.36
CA ASP A 46 2.40 0.15 -6.96
C ASP A 46 3.55 0.98 -7.47
N ASP A 47 3.23 2.14 -8.00
CA ASP A 47 4.22 3.08 -8.50
C ASP A 47 3.98 4.45 -7.88
N ILE A 48 4.89 4.81 -6.99
CA ILE A 48 4.89 6.10 -6.32
C ILE A 48 5.28 7.13 -7.37
N GLN A 49 4.49 8.20 -7.48
CA GLN A 49 4.74 9.23 -8.48
C GLN A 49 5.73 10.27 -7.97
N SER A 50 6.21 11.12 -8.87
CA SER A 50 7.38 11.95 -8.62
C SER A 50 7.18 13.01 -7.53
N GLY A 51 8.30 13.51 -7.03
CA GLY A 51 8.32 14.54 -6.00
C GLY A 51 8.46 14.01 -4.59
N GLN A 52 8.59 12.69 -4.47
CA GLN A 52 8.68 12.01 -3.19
C GLN A 52 9.48 10.74 -3.35
N THR A 53 10.04 10.27 -2.25
CA THR A 53 10.92 9.08 -2.24
C THR A 53 10.49 8.16 -1.11
N LEU A 54 10.27 6.90 -1.46
CA LEU A 54 9.91 5.87 -0.49
C LEU A 54 10.97 5.75 0.60
N ASP A 55 10.53 5.75 1.86
CA ASP A 55 11.36 5.40 3.00
C ASP A 55 11.20 3.89 3.23
N ILE A 56 12.20 3.12 2.82
CA ILE A 56 12.16 1.64 2.89
C ILE A 56 12.01 1.09 4.31
N ASP A 57 12.43 1.88 5.30
CA ASP A 57 12.32 1.48 6.71
C ASP A 57 10.96 1.78 7.32
N SER A 58 10.11 2.49 6.59
CA SER A 58 8.85 2.98 7.12
C SER A 58 7.69 2.00 7.03
N PHE A 59 7.88 0.87 6.34
CA PHE A 59 6.79 -0.08 6.15
C PHE A 59 6.23 -0.53 7.50
N ASP A 60 4.91 -0.57 7.58
CA ASP A 60 4.19 -1.02 8.76
C ASP A 60 2.97 -1.72 8.20
N ILE A 61 2.91 -3.02 8.39
CA ILE A 61 1.86 -3.84 7.85
C ILE A 61 1.01 -4.32 9.02
N THR A 62 -0.27 -4.01 8.96
CA THR A 62 -1.23 -4.46 9.94
C THR A 62 -2.10 -5.53 9.31
N VAL A 63 -2.19 -6.67 9.98
CA VAL A 63 -3.04 -7.76 9.52
C VAL A 63 -4.24 -7.89 10.45
N ASN A 64 -5.42 -7.91 9.85
CA ASN A 64 -6.69 -7.99 10.59
C ASN A 64 -6.83 -6.95 11.69
N GLY A 65 -6.33 -5.75 11.40
CA GLY A 65 -6.38 -4.62 12.32
C GLY A 65 -5.73 -4.78 13.69
N SER A 66 -4.94 -5.84 13.89
CA SER A 66 -4.38 -6.14 15.21
C SER A 66 -2.88 -6.44 15.17
N GLU A 67 -2.48 -7.43 14.38
CA GLU A 67 -1.06 -7.81 14.24
C GLU A 67 -0.27 -6.81 13.40
N SER A 68 0.80 -6.24 13.96
CA SER A 68 1.62 -5.24 13.27
C SER A 68 2.99 -5.81 12.93
N TYR A 69 3.46 -5.55 11.71
CA TYR A 69 4.79 -5.97 11.25
C TYR A 69 5.52 -4.72 10.75
N ARG A 70 6.60 -4.33 11.43
CA ARG A 70 7.22 -3.02 11.20
C ARG A 70 8.62 -3.12 10.62
N GLY A 71 8.89 -2.29 9.60
CA GLY A 71 10.20 -2.15 9.02
C GLY A 71 10.60 -3.30 8.13
N GLN A 72 11.89 -3.35 7.81
CA GLN A 72 12.43 -4.38 6.92
C GLN A 72 12.38 -5.77 7.56
N GLU A 73 12.65 -5.86 8.86
CA GLU A 73 12.49 -7.12 9.60
C GLU A 73 11.02 -7.56 9.65
N GLY A 74 10.11 -6.59 9.79
CA GLY A 74 8.67 -6.86 9.75
C GLY A 74 8.24 -7.45 8.42
N ILE A 75 8.79 -6.90 7.34
CA ILE A 75 8.55 -7.43 6.00
C ILE A 75 9.00 -8.90 5.92
N ASN A 76 10.16 -9.21 6.50
CA ASN A 76 10.65 -10.60 6.52
C ASN A 76 9.74 -11.51 7.37
N GLN A 77 9.28 -11.02 8.52
CA GLN A 77 8.31 -11.77 9.37
C GLN A 77 6.95 -11.97 8.68
N LEU A 78 6.47 -10.95 7.99
CA LEU A 78 5.25 -11.06 7.21
C LEU A 78 5.39 -12.09 6.10
N ALA A 79 6.57 -12.14 5.47
CA ALA A 79 6.86 -13.16 4.46
C ALA A 79 6.79 -14.55 5.05
N GLN A 80 7.34 -14.73 6.25
CA GLN A 80 7.28 -16.04 6.92
C GLN A 80 5.87 -16.44 7.33
N ARG A 81 5.14 -15.53 7.96
CA ARG A 81 3.84 -15.86 8.51
C ARG A 81 2.75 -15.97 7.45
N TYR A 82 2.78 -15.08 6.45
CA TYR A 82 1.74 -15.06 5.42
C TYR A 82 2.22 -15.34 4.00
N GLY A 83 3.50 -15.68 3.83
CA GLY A 83 4.07 -15.86 2.48
C GLY A 83 3.97 -14.61 1.63
N ALA A 84 3.72 -13.48 2.29
CA ALA A 84 3.35 -12.24 1.63
C ALA A 84 4.63 -11.49 1.48
N THR A 85 4.99 -11.19 0.24
CA THR A 85 6.26 -10.57 -0.07
C THR A 85 6.01 -9.15 -0.49
N ILE A 86 6.79 -8.25 0.08
CA ILE A 86 6.79 -6.86 -0.35
C ILE A 86 8.16 -6.60 -0.93
N SER A 87 8.20 -6.21 -2.19
CA SER A 87 9.43 -5.86 -2.87
C SER A 87 9.32 -4.39 -3.20
N ALA A 88 10.29 -3.60 -2.79
CA ALA A 88 10.26 -2.18 -3.00
C ALA A 88 11.56 -1.71 -3.63
N ASP A 89 11.46 -0.69 -4.48
CA ASP A 89 12.62 -0.06 -5.08
C ASP A 89 12.40 1.44 -4.95
N SER A 90 13.09 2.04 -3.97
CA SER A 90 13.03 3.49 -3.75
C SER A 90 13.46 4.29 -4.96
N ALA A 91 14.47 3.79 -5.68
CA ALA A 91 14.98 4.47 -6.86
C ALA A 91 13.87 4.76 -7.86
N SER A 92 13.09 3.74 -8.17
CA SER A 92 12.00 3.86 -9.16
C SER A 92 10.65 4.19 -8.55
N GLY A 93 10.51 4.03 -7.23
CA GLY A 93 9.23 4.23 -6.56
C GLY A 93 8.27 3.06 -6.73
N HIS A 94 8.80 1.91 -7.10
CA HIS A 94 7.98 0.75 -7.36
C HIS A 94 7.90 -0.16 -6.13
N ILE A 95 6.68 -0.58 -5.81
CA ILE A 95 6.42 -1.56 -4.77
C ILE A 95 5.59 -2.69 -5.38
N SER A 96 5.98 -3.94 -5.10
CA SER A 96 5.22 -5.12 -5.48
C SER A 96 4.81 -5.79 -4.20
N VAL A 97 3.55 -6.19 -4.16
CA VAL A 97 3.04 -6.98 -3.07
C VAL A 97 2.48 -8.24 -3.67
N TYR A 98 2.85 -9.37 -3.08
CA TYR A 98 2.28 -10.65 -3.47
C TYR A 98 1.82 -11.33 -2.21
N ILE A 99 0.59 -11.82 -2.23
CA ILE A 99 0.06 -12.59 -1.11
C ILE A 99 -0.55 -13.87 -1.69
N PRO A 100 -0.05 -15.03 -1.24
CA PRO A 100 -0.59 -16.29 -1.73
C PRO A 100 -2.03 -16.48 -1.32
N GLN A 101 -2.80 -17.14 -2.19
CA GLN A 101 -4.21 -17.45 -1.98
C GLN A 101 -4.50 -17.95 -0.57
N GLY A 102 -3.72 -18.92 -0.10
CA GLY A 102 -3.99 -19.58 1.17
C GLY A 102 -3.94 -18.67 2.37
N TYR A 103 -3.11 -17.65 2.28
CA TYR A 103 -2.94 -16.64 3.35
C TYR A 103 -3.75 -15.37 3.12
N ALA A 104 -4.13 -15.11 1.88
CA ALA A 104 -4.98 -13.97 1.57
C ALA A 104 -6.39 -14.16 2.13
N SER A 105 -6.93 -15.38 2.01
CA SER A 105 -8.29 -15.66 2.45
C SER A 105 -8.51 -15.33 3.90
N LEU A 106 -9.57 -14.56 4.14
CA LEU A 106 -10.03 -14.18 5.48
C LEU A 106 -9.15 -13.17 6.20
N ASN A 107 -8.07 -12.73 5.57
CA ASN A 107 -7.11 -11.82 6.20
C ASN A 107 -7.09 -10.49 5.48
N SER A 108 -7.18 -9.42 6.24
CA SER A 108 -7.03 -8.10 5.69
C SER A 108 -5.61 -7.64 5.97
N PHE A 109 -5.03 -6.89 5.04
CA PHE A 109 -3.66 -6.41 5.15
C PHE A 109 -3.70 -4.93 4.87
N SER A 110 -3.18 -4.14 5.79
CA SER A 110 -3.02 -2.73 5.59
C SER A 110 -1.53 -2.45 5.59
N ILE A 111 -1.02 -2.06 4.44
CA ILE A 111 0.38 -1.81 4.26
C ILE A 111 0.59 -0.31 4.25
N MET A 112 1.19 0.21 5.32
CA MET A 112 1.51 1.61 5.39
C MET A 112 2.97 1.80 5.03
N TYR A 113 3.24 2.85 4.27
CA TYR A 113 4.62 3.31 4.12
C TYR A 113 4.62 4.81 4.00
N LEU A 114 5.80 5.39 4.24
CA LEU A 114 6.02 6.80 4.12
C LEU A 114 6.84 7.09 2.90
N THR A 115 6.52 8.19 2.25
CA THR A 115 7.45 8.79 1.31
C THR A 115 7.93 10.09 1.93
N LYS A 116 9.18 10.43 1.60
CA LYS A 116 9.80 11.67 1.97
C LYS A 116 9.51 12.67 0.86
N VAL A 117 8.99 13.83 1.22
CA VAL A 117 8.72 14.89 0.25
C VAL A 117 10.05 15.42 -0.27
N ASP A 118 10.24 15.37 -1.60
CA ASP A 118 11.44 15.90 -2.25
C ASP A 118 11.24 17.30 -2.83
N ASN A 119 10.01 17.61 -3.22
CA ASN A 119 9.64 18.92 -3.77
C ASN A 119 8.64 19.56 -2.81
N PRO A 120 9.13 20.30 -1.79
CA PRO A 120 8.23 20.89 -0.79
C PRO A 120 7.11 21.80 -1.33
N ASP A 121 7.31 22.40 -2.49
CA ASP A 121 6.32 23.29 -3.11
C ASP A 121 5.33 22.56 -4.02
N GLN A 122 5.54 21.26 -4.23
CA GLN A 122 4.66 20.49 -5.09
C GLN A 122 3.25 20.43 -4.51
N LYS A 123 2.23 20.60 -5.36
CA LYS A 123 0.85 20.79 -4.89
C LYS A 123 0.20 19.49 -4.40
N THR A 124 0.46 18.39 -5.10
CA THR A 124 -0.07 17.11 -4.70
C THR A 124 0.97 16.03 -4.93
N PHE A 125 0.81 14.96 -4.15
CA PHE A 125 1.65 13.78 -4.27
C PHE A 125 0.74 12.64 -4.63
N GLU A 126 1.18 11.84 -5.61
CA GLU A 126 0.34 10.79 -6.16
C GLU A 126 0.99 9.44 -5.94
N ASN A 127 0.12 8.45 -5.81
CA ASN A 127 0.55 7.07 -5.73
C ASN A 127 -0.41 6.25 -6.57
N ASN A 128 0.14 5.48 -7.50
CA ASN A 128 -0.68 4.68 -8.39
C ASN A 128 -0.46 3.23 -8.05
N SER A 129 -1.52 2.46 -8.21
CA SER A 129 -1.40 1.05 -8.07
C SER A 129 -2.35 0.31 -8.99
N LYS A 130 -2.00 -0.94 -9.26
CA LYS A 130 -2.87 -1.87 -9.98
C LYS A 130 -2.95 -3.15 -9.16
N ALA A 131 -4.09 -3.81 -9.22
CA ALA A 131 -4.36 -5.00 -8.43
C ALA A 131 -4.86 -6.14 -9.30
N TRP A 132 -4.41 -7.33 -8.93
CA TRP A 132 -4.86 -8.57 -9.52
C TRP A 132 -5.32 -9.44 -8.38
N TYR A 133 -6.59 -9.85 -8.42
CA TYR A 133 -7.15 -10.73 -7.40
C TYR A 133 -8.46 -11.31 -7.89
N LYS A 134 -8.87 -12.40 -7.26
CA LYS A 134 -10.17 -12.96 -7.48
C LYS A 134 -10.77 -13.32 -6.16
N GLU A 135 -11.78 -12.55 -5.78
CA GLU A 135 -12.56 -12.81 -4.61
C GLU A 135 -13.49 -13.98 -4.90
N ASN A 136 -13.78 -14.75 -3.86
CA ASN A 136 -14.67 -15.90 -4.03
C ASN A 136 -16.04 -15.42 -4.50
N GLY A 137 -16.56 -16.09 -5.52
CA GLY A 137 -17.88 -15.77 -6.08
C GLY A 137 -17.97 -14.50 -6.91
N LYS A 138 -16.84 -13.91 -7.27
CA LYS A 138 -16.77 -12.64 -8.01
C LYS A 138 -15.82 -12.81 -9.19
N ASP A 139 -16.02 -12.03 -10.24
CA ASP A 139 -15.12 -12.04 -11.40
C ASP A 139 -13.73 -11.57 -11.01
N ALA A 140 -12.70 -12.13 -11.66
CA ALA A 140 -11.34 -11.66 -11.32
C ALA A 140 -11.14 -10.22 -11.72
N VAL A 141 -10.34 -9.55 -10.92
CA VAL A 141 -9.91 -8.19 -11.21
C VAL A 141 -8.50 -8.34 -11.77
N ASP A 142 -8.28 -7.83 -12.98
CA ASP A 142 -7.03 -8.04 -13.70
C ASP A 142 -6.31 -6.73 -13.98
N GLY A 143 -5.63 -6.22 -12.96
CA GLY A 143 -4.81 -5.02 -13.14
C GLY A 143 -5.60 -3.73 -13.21
N LYS A 144 -6.74 -3.70 -12.50
CA LYS A 144 -7.53 -2.49 -12.33
C LYS A 144 -6.70 -1.47 -11.55
N GLU A 145 -6.86 -0.20 -11.89
CA GLU A 145 -6.10 0.88 -11.27
C GLU A 145 -6.77 1.37 -9.99
N PHE A 146 -5.94 1.64 -8.98
CA PHE A 146 -6.37 2.20 -7.72
C PHE A 146 -5.32 3.23 -7.32
N ASN A 147 -5.61 4.47 -7.65
CA ASN A 147 -4.65 5.54 -7.46
C ASN A 147 -5.15 6.48 -6.41
N HIS A 148 -4.25 7.27 -5.84
CA HIS A 148 -4.66 8.26 -4.86
C HIS A 148 -3.73 9.44 -4.88
N SER A 149 -4.30 10.62 -4.65
CA SER A 149 -3.58 11.87 -4.58
C SER A 149 -3.73 12.45 -3.20
N VAL A 150 -2.63 12.99 -2.68
CA VAL A 150 -2.62 13.66 -1.38
C VAL A 150 -2.21 15.11 -1.62
N ALA A 151 -3.03 16.04 -1.17
CA ALA A 151 -2.70 17.46 -1.29
C ALA A 151 -1.60 17.81 -0.29
N ASN A 152 -0.63 18.58 -0.75
CA ASN A 152 0.44 19.08 0.10
C ASN A 152 -0.15 20.12 1.02
N VAL A 153 -0.12 19.84 2.32
CA VAL A 153 -0.64 20.80 3.29
C VAL A 153 0.24 22.07 3.39
N ASN A 154 1.49 22.01 2.92
CA ASN A 154 2.35 23.21 2.79
C ASN A 154 1.94 24.20 1.71
N ALA A 155 1.37 23.71 0.61
CA ALA A 155 1.00 24.63 -0.49
C ALA A 155 -0.51 24.91 -0.51
N GLY A 157 -4.58 27.94 2.74
CA GLY A 157 -5.30 27.07 1.77
C GLY A 157 -6.46 26.34 2.39
N GLY A 158 -7.33 25.80 1.54
CA GLY A 158 -8.49 25.01 1.97
C GLY A 158 -9.17 24.41 0.77
N VAL A 159 -9.32 23.08 0.71
CA VAL A 159 -9.98 22.47 -0.47
C VAL A 159 -11.20 21.65 -0.05
#